data_7DP3
#
_entry.id   7DP3
#
_cell.length_a   46.017
_cell.length_b   52.028
_cell.length_c   137.221
_cell.angle_alpha   90.000
_cell.angle_beta   91.864
_cell.angle_gamma   90.000
#
_symmetry.space_group_name_H-M   'P 1 21 1'
#
loop_
_entity.id
_entity.type
_entity.pdbx_description
1 polymer 'DNA helicase MCM8'
2 non-polymer 'ZINC ION'
3 water water
#
_entity_poly.entity_id   1
_entity_poly.type   'polypeptide(L)'
_entity_poly.pdbx_seq_one_letter_code
;MGSSHHHHHHSQGSMTPQSMQSTLDRFIPYKGWKLYFSEVYSDSSPLIEKIQAFEKFFTRHIDLYDKDEIERKGSILVDF
KELTEGGEVTNLIPDIATELRDAPEKTLACMGLAIHQVLTKDLERHAAELQAQEGLSNDGETMVNVPHIHARVYNYEPLT
QLKNVRANYYGKYIALRGTVVRVSNIKPLCTKMAFLCAACGEIQSFPLPDGKYSLPTKCPVPVCRGRSFTALRSSPLTVT
MDWQSIKIQELMSDDQREAGRIPRTIECELVHDLVDSCVPGDTVTITGIVKVSNAEEGSRNKNDKCMFLLYIEANSISNS
KGQKTKSSEDG
;
_entity_poly.pdbx_strand_id   A,B
#
# COMPACT_ATOMS: atom_id res chain seq x y z
N PRO A 29 -8.34 30.31 13.35
CA PRO A 29 -9.15 29.70 14.41
C PRO A 29 -8.57 28.40 14.92
N TYR A 30 -7.65 27.82 14.17
CA TYR A 30 -6.98 26.57 14.53
C TYR A 30 -5.48 26.84 14.63
N LYS A 31 -5.04 27.35 15.77
CA LYS A 31 -3.61 27.44 16.04
C LYS A 31 -3.03 26.04 16.21
N GLY A 32 -1.89 25.80 15.60
CA GLY A 32 -1.33 24.46 15.54
C GLY A 32 -1.83 23.63 14.38
N TRP A 33 -2.53 24.24 13.42
CA TRP A 33 -2.99 23.50 12.25
C TRP A 33 -1.82 22.93 11.46
N LYS A 34 -0.77 23.74 11.26
CA LYS A 34 0.42 23.28 10.56
C LYS A 34 1.30 22.37 11.40
N LEU A 35 1.00 22.22 12.69
CA LEU A 35 1.69 21.23 13.52
C LEU A 35 1.21 19.82 13.30
N TYR A 36 0.06 19.64 12.64
CA TYR A 36 -0.51 18.33 12.36
C TYR A 36 -0.77 18.08 10.88
N PHE A 37 -1.14 19.10 10.12
CA PHE A 37 -1.45 18.96 8.70
C PHE A 37 -0.53 19.86 7.87
N SER A 38 -0.03 19.31 6.78
CA SER A 38 0.76 20.10 5.83
C SER A 38 -0.12 20.87 4.85
N GLU A 39 -1.42 20.59 4.82
CA GLU A 39 -2.33 21.29 3.92
C GLU A 39 -2.61 22.70 4.42
N VAL A 40 -3.24 23.49 3.57
CA VAL A 40 -3.67 24.83 3.94
C VAL A 40 -5.03 24.73 4.63
N TYR A 41 -5.22 25.53 5.68
CA TYR A 41 -6.47 25.49 6.43
C TYR A 41 -7.61 26.04 5.58
N SER A 42 -8.67 25.26 5.45
CA SER A 42 -9.88 25.67 4.74
C SER A 42 -11.08 25.09 5.47
N ASP A 43 -12.01 25.96 5.87
CA ASP A 43 -13.19 25.53 6.62
C ASP A 43 -14.11 24.63 5.80
N SER A 44 -13.87 24.46 4.51
CA SER A 44 -14.65 23.57 3.67
C SER A 44 -14.07 22.18 3.56
N SER A 45 -12.85 21.96 4.04
CA SER A 45 -12.22 20.66 3.94
C SER A 45 -12.91 19.66 4.87
N PRO A 46 -12.94 18.38 4.49
CA PRO A 46 -13.56 17.36 5.35
C PRO A 46 -12.81 17.14 6.66
N LEU A 47 -11.63 17.74 6.83
CA LEU A 47 -10.89 17.58 8.07
C LEU A 47 -11.60 18.24 9.25
N ILE A 48 -12.32 19.34 9.00
CA ILE A 48 -12.94 20.10 10.08
C ILE A 48 -13.96 19.23 10.82
N GLU A 49 -14.71 18.42 10.09
CA GLU A 49 -15.71 17.57 10.73
C GLU A 49 -15.07 16.56 11.67
N LYS A 50 -13.98 15.94 11.23
CA LYS A 50 -13.30 14.94 12.07
C LYS A 50 -12.66 15.59 13.28
N ILE A 51 -12.05 16.77 13.10
CA ILE A 51 -11.36 17.44 14.19
C ILE A 51 -12.36 17.84 15.28
N GLN A 52 -13.47 18.46 14.87
CA GLN A 52 -14.49 18.86 15.84
C GLN A 52 -15.17 17.67 16.50
N ALA A 53 -15.12 16.49 15.87
CA ALA A 53 -15.70 15.30 16.49
C ALA A 53 -14.93 14.90 17.74
N PHE A 54 -13.60 14.78 17.62
CA PHE A 54 -12.78 14.49 18.78
C PHE A 54 -12.74 15.66 19.75
N GLU A 55 -12.95 16.88 19.25
CA GLU A 55 -12.96 18.05 20.13
C GLU A 55 -14.12 17.97 21.12
N LYS A 56 -15.27 17.46 20.66
CA LYS A 56 -16.39 17.24 21.58
C LYS A 56 -16.06 16.14 22.59
N PHE A 57 -15.34 15.10 22.14
CA PHE A 57 -14.96 14.01 23.03
C PHE A 57 -14.00 14.50 24.11
N PHE A 58 -13.00 15.29 23.71
CA PHE A 58 -11.97 15.71 24.66
C PHE A 58 -12.46 16.76 25.63
N THR A 59 -13.47 17.55 25.24
CA THR A 59 -14.00 18.56 26.15
C THR A 59 -14.83 17.93 27.26
N ARG A 60 -15.59 16.87 26.93
CA ARG A 60 -16.39 16.19 27.94
C ARG A 60 -15.55 15.33 28.86
N HIS A 61 -14.41 14.82 28.38
CA HIS A 61 -13.53 13.97 29.16
C HIS A 61 -12.22 14.67 29.52
N ILE A 62 -12.26 16.00 29.64
CA ILE A 62 -11.03 16.73 29.91
C ILE A 62 -10.56 16.48 31.35
N ASP A 63 -11.48 16.21 32.27
CA ASP A 63 -11.11 15.95 33.65
C ASP A 63 -10.53 14.56 33.85
N LEU A 64 -10.71 13.66 32.88
CA LEU A 64 -10.18 12.31 32.98
C LEU A 64 -8.68 12.26 32.72
N TYR A 65 -8.10 13.30 32.15
CA TYR A 65 -6.68 13.34 31.84
C TYR A 65 -5.99 14.42 32.66
N ASP A 66 -4.67 14.30 32.77
CA ASP A 66 -3.84 15.28 33.44
C ASP A 66 -3.36 16.29 32.42
N LYS A 67 -3.93 17.50 32.45
CA LYS A 67 -3.56 18.53 31.49
C LYS A 67 -2.11 18.96 31.63
N ASP A 68 -1.52 18.79 32.81
CA ASP A 68 -0.11 19.15 32.98
C ASP A 68 0.81 18.10 32.36
N GLU A 69 0.48 16.81 32.55
CA GLU A 69 1.31 15.76 31.98
C GLU A 69 1.20 15.71 30.46
N ILE A 70 0.04 16.10 29.92
CA ILE A 70 -0.13 16.12 28.47
C ILE A 70 0.78 17.16 27.83
N GLU A 71 0.83 18.36 28.41
CA GLU A 71 1.63 19.44 27.84
C GLU A 71 3.13 19.17 28.01
N ARG A 72 3.52 18.60 29.16
CA ARG A 72 4.94 18.35 29.40
C ARG A 72 5.46 17.25 28.49
N LYS A 73 4.81 16.07 28.50
CA LYS A 73 5.27 14.96 27.68
C LYS A 73 4.96 15.16 26.21
N GLY A 74 4.05 16.07 25.87
CA GLY A 74 3.70 16.29 24.47
C GLY A 74 2.90 15.17 23.85
N SER A 75 2.12 14.44 24.66
CA SER A 75 1.31 13.35 24.15
C SER A 75 0.12 13.16 25.07
N ILE A 76 -0.84 12.36 24.60
CA ILE A 76 -2.03 12.01 25.37
C ILE A 76 -2.38 10.56 25.09
N LEU A 77 -2.68 9.81 26.16
CA LEU A 77 -3.04 8.40 26.05
C LEU A 77 -4.56 8.28 26.17
N VAL A 78 -5.18 7.72 25.13
CA VAL A 78 -6.63 7.56 25.08
C VAL A 78 -6.96 6.07 25.00
N ASP A 79 -7.88 5.64 25.85
CA ASP A 79 -8.31 4.24 25.84
C ASP A 79 -9.23 4.00 24.64
N PHE A 80 -8.93 2.96 23.86
CA PHE A 80 -9.73 2.65 22.69
C PHE A 80 -11.16 2.27 23.07
N LYS A 81 -11.36 1.76 24.28
CA LYS A 81 -12.72 1.46 24.74
C LYS A 81 -13.51 2.73 25.02
N GLU A 82 -12.82 3.84 25.32
CA GLU A 82 -13.50 5.11 25.49
C GLU A 82 -14.02 5.64 24.17
N LEU A 83 -13.26 5.44 23.09
CA LEU A 83 -13.67 5.94 21.78
C LEU A 83 -14.80 5.11 21.20
N THR A 84 -14.76 3.79 21.39
CA THR A 84 -15.82 2.90 20.93
C THR A 84 -16.96 2.81 21.93
N GLU A 85 -16.92 3.59 23.00
CA GLU A 85 -18.04 3.67 23.92
C GLU A 85 -19.27 4.20 23.20
N GLY A 86 -20.40 3.51 23.37
CA GLY A 86 -21.64 4.05 22.88
C GLY A 86 -22.18 5.14 23.77
N GLY A 87 -22.87 6.10 23.15
CA GLY A 87 -23.51 7.15 23.92
C GLY A 87 -23.43 8.52 23.29
N GLU A 88 -23.37 9.54 24.15
CA GLU A 88 -23.50 10.93 23.74
C GLU A 88 -22.15 11.63 23.56
N VAL A 89 -21.13 11.26 24.33
CA VAL A 89 -19.82 11.89 24.16
C VAL A 89 -19.19 11.48 22.84
N THR A 90 -19.30 10.19 22.49
CA THR A 90 -18.83 9.69 21.21
C THR A 90 -19.89 9.79 20.12
N ASN A 91 -20.71 10.84 20.15
CA ASN A 91 -21.82 10.95 19.20
C ASN A 91 -21.34 11.20 17.78
N LEU A 92 -20.22 11.91 17.62
CA LEU A 92 -19.72 12.27 16.30
C LEU A 92 -18.60 11.35 15.81
N ILE A 93 -18.34 10.25 16.51
CA ILE A 93 -17.34 9.28 16.07
C ILE A 93 -17.93 7.87 16.09
N PRO A 94 -18.95 7.58 15.29
CA PRO A 94 -19.53 6.23 15.31
C PRO A 94 -18.73 5.21 14.52
N ASP A 95 -17.84 5.64 13.64
CA ASP A 95 -17.03 4.75 12.81
C ASP A 95 -15.55 4.95 13.09
N ILE A 96 -15.18 5.06 14.38
CA ILE A 96 -13.79 5.28 14.74
C ILE A 96 -12.98 4.00 14.54
N ALA A 97 -13.58 2.84 14.75
CA ALA A 97 -12.84 1.58 14.64
C ALA A 97 -12.39 1.32 13.20
N THR A 98 -13.19 1.74 12.22
CA THR A 98 -12.82 1.52 10.82
C THR A 98 -11.89 2.62 10.32
N GLU A 99 -12.15 3.87 10.68
CA GLU A 99 -11.32 4.98 10.19
C GLU A 99 -9.91 4.92 10.78
N LEU A 100 -9.79 4.59 12.07
CA LEU A 100 -8.47 4.47 12.68
C LEU A 100 -7.69 3.30 12.06
N ARG A 101 -8.38 2.21 11.74
CA ARG A 101 -7.70 1.03 11.20
C ARG A 101 -7.23 1.26 9.77
N ASP A 102 -8.08 1.85 8.94
CA ASP A 102 -7.76 2.02 7.51
C ASP A 102 -7.10 3.35 7.19
N ALA A 103 -7.27 4.37 8.03
CA ALA A 103 -6.64 5.68 7.83
C ALA A 103 -6.11 6.19 9.16
N PRO A 104 -5.06 5.56 9.68
CA PRO A 104 -4.55 5.98 11.00
C PRO A 104 -3.83 7.32 10.97
N GLU A 105 -3.06 7.59 9.92
CA GLU A 105 -2.30 8.84 9.86
C GLU A 105 -3.21 10.05 9.73
N LYS A 106 -4.41 9.86 9.18
CA LYS A 106 -5.38 10.94 9.06
C LYS A 106 -6.29 11.04 10.28
N THR A 107 -6.57 9.91 10.94
CA THR A 107 -7.39 9.95 12.14
C THR A 107 -6.62 10.50 13.33
N LEU A 108 -5.37 10.06 13.51
CA LEU A 108 -4.57 10.55 14.63
C LEU A 108 -4.21 12.01 14.47
N ALA A 109 -4.08 12.50 13.23
CA ALA A 109 -3.81 13.92 13.03
C ALA A 109 -4.99 14.78 13.45
N CYS A 110 -6.21 14.34 13.13
CA CYS A 110 -7.41 15.06 13.59
C CYS A 110 -7.57 14.94 15.09
N MET A 111 -7.34 13.75 15.65
CA MET A 111 -7.44 13.56 17.09
C MET A 111 -6.37 14.35 17.83
N GLY A 112 -5.20 14.52 17.23
CA GLY A 112 -4.15 15.28 17.87
C GLY A 112 -4.41 16.78 17.85
N LEU A 113 -4.88 17.30 16.71
CA LEU A 113 -5.23 18.71 16.65
C LEU A 113 -6.44 19.03 17.52
N ALA A 114 -7.34 18.06 17.71
CA ALA A 114 -8.51 18.29 18.54
C ALA A 114 -8.12 18.55 19.99
N ILE A 115 -7.31 17.66 20.58
CA ILE A 115 -6.87 17.86 21.96
C ILE A 115 -6.00 19.10 22.06
N HIS A 116 -5.24 19.42 21.01
CA HIS A 116 -4.47 20.67 21.01
C HIS A 116 -5.40 21.88 20.99
N GLN A 117 -6.50 21.79 20.23
CA GLN A 117 -7.47 22.88 20.21
C GLN A 117 -8.24 22.98 21.52
N VAL A 118 -8.48 21.86 22.18
CA VAL A 118 -9.14 21.89 23.48
C VAL A 118 -8.23 22.51 24.54
N LEU A 119 -6.95 22.15 24.52
CA LEU A 119 -6.01 22.70 25.50
C LEU A 119 -5.76 24.18 25.24
N THR A 120 -5.67 24.59 23.98
CA THR A 120 -5.42 26.00 23.68
C THR A 120 -6.62 26.87 23.98
N LYS A 121 -7.83 26.29 24.05
CA LYS A 121 -9.00 27.04 24.47
C LYS A 121 -9.15 27.08 25.99
N ASP A 122 -8.78 25.99 26.66
CA ASP A 122 -8.85 25.96 28.13
C ASP A 122 -7.76 26.81 28.77
N LEU A 123 -6.66 27.05 28.08
CA LEU A 123 -5.60 27.89 28.62
C LEU A 123 -5.74 29.36 28.23
N GLU A 124 -6.34 29.65 27.07
CA GLU A 124 -6.64 31.03 26.73
C GLU A 124 -7.73 31.60 27.63
N ARG A 125 -8.63 30.75 28.11
CA ARG A 125 -9.63 31.19 29.08
C ARG A 125 -9.00 31.41 30.44
N HIS A 126 -8.04 30.56 30.83
CA HIS A 126 -7.33 30.78 32.08
C HIS A 126 -6.49 32.05 32.04
N ALA A 127 -5.85 32.32 30.90
CA ALA A 127 -5.07 33.54 30.76
C ALA A 127 -5.95 34.77 30.59
N ALA A 128 -7.23 34.59 30.27
CA ALA A 128 -8.13 35.74 30.14
C ALA A 128 -8.49 36.30 31.51
N GLU A 129 -8.67 35.42 32.50
CA GLU A 129 -8.97 35.89 33.86
C GLU A 129 -7.74 36.45 34.54
N LEU A 130 -6.54 35.98 34.18
CA LEU A 130 -5.32 36.50 34.78
C LEU A 130 -5.01 37.91 34.29
N GLN A 131 -5.35 38.22 33.04
CA GLN A 131 -5.07 39.55 32.50
C GLN A 131 -5.99 40.60 33.12
N ALA A 132 -7.26 40.24 33.36
CA ALA A 132 -8.18 41.20 33.94
C ALA A 132 -7.92 41.43 35.42
N GLN A 133 -7.44 40.42 36.13
CA GLN A 133 -7.18 40.54 37.56
C GLN A 133 -5.75 41.00 37.81
N THR A 142 -2.25 37.28 25.80
CA THR A 142 -3.12 36.12 25.64
C THR A 142 -2.47 35.06 24.76
N MET A 143 -1.15 35.18 24.57
CA MET A 143 -0.42 34.27 23.69
C MET A 143 -0.09 32.99 24.45
N VAL A 144 -0.95 32.00 24.32
CA VAL A 144 -0.71 30.67 24.86
C VAL A 144 -0.13 29.81 23.75
N ASN A 145 1.05 29.24 23.99
CA ASN A 145 1.78 28.46 23.00
C ASN A 145 1.78 27.00 23.46
N VAL A 146 0.82 26.24 22.97
CA VAL A 146 0.71 24.81 23.28
C VAL A 146 1.52 24.04 22.24
N PRO A 147 2.50 23.22 22.65
CA PRO A 147 3.29 22.49 21.67
C PRO A 147 2.52 21.35 21.01
N HIS A 148 3.17 20.63 20.10
CA HIS A 148 2.52 19.50 19.45
C HIS A 148 2.19 18.41 20.47
N ILE A 149 0.99 17.86 20.36
CA ILE A 149 0.50 16.82 21.26
C ILE A 149 0.27 15.55 20.45
N HIS A 150 1.04 14.51 20.74
CA HIS A 150 0.86 13.23 20.06
C HIS A 150 -0.39 12.54 20.59
N ALA A 151 -1.35 12.31 19.70
CA ALA A 151 -2.54 11.52 20.04
C ALA A 151 -2.15 10.05 20.01
N ARG A 152 -2.17 9.41 21.18
CA ARG A 152 -1.73 8.02 21.32
C ARG A 152 -2.89 7.18 21.83
N VAL A 153 -3.35 6.24 21.01
CA VAL A 153 -4.43 5.33 21.36
C VAL A 153 -3.84 4.00 21.79
N TYR A 154 -4.23 3.53 22.97
CA TYR A 154 -3.80 2.25 23.50
C TYR A 154 -5.00 1.34 23.71
N ASN A 155 -4.72 0.08 24.08
CA ASN A 155 -5.75 -0.93 24.30
C ASN A 155 -6.62 -1.13 23.06
N TYR A 156 -5.99 -1.07 21.89
CA TYR A 156 -6.70 -1.26 20.63
C TYR A 156 -6.92 -2.75 20.37
N GLU A 157 -8.04 -3.06 19.74
CA GLU A 157 -8.43 -4.42 19.41
C GLU A 157 -9.08 -4.42 18.04
N PRO A 158 -9.07 -5.57 17.33
CA PRO A 158 -8.51 -6.87 17.69
C PRO A 158 -6.98 -6.92 17.66
N LEU A 159 -6.41 -7.83 18.45
CA LEU A 159 -4.97 -8.02 18.47
C LEU A 159 -4.54 -8.83 17.24
N THR A 160 -3.48 -8.38 16.58
CA THR A 160 -2.95 -9.04 15.39
C THR A 160 -1.65 -9.74 15.76
N GLN A 161 -1.61 -11.06 15.56
CA GLN A 161 -0.38 -11.80 15.75
C GLN A 161 0.57 -11.56 14.59
N LEU A 162 1.87 -11.59 14.89
CA LEU A 162 2.86 -11.14 13.93
C LEU A 162 2.91 -12.02 12.68
N LYS A 163 2.60 -13.31 12.82
CA LYS A 163 2.69 -14.21 11.68
C LYS A 163 1.66 -13.89 10.60
N ASN A 164 0.53 -13.30 10.99
CA ASN A 164 -0.53 -12.97 10.04
C ASN A 164 -0.36 -11.58 9.44
N VAL A 165 0.78 -10.93 9.66
CA VAL A 165 1.04 -9.61 9.10
C VAL A 165 1.54 -9.78 7.67
N ARG A 166 0.73 -9.40 6.70
CA ARG A 166 1.06 -9.51 5.30
C ARG A 166 1.48 -8.15 4.74
N ALA A 167 1.91 -8.16 3.48
CA ALA A 167 2.28 -6.91 2.81
C ALA A 167 1.08 -6.00 2.59
N ASN A 168 -0.13 -6.56 2.53
CA ASN A 168 -1.33 -5.75 2.37
C ASN A 168 -1.62 -4.88 3.58
N TYR A 169 -1.02 -5.19 4.73
CA TYR A 169 -1.24 -4.40 5.95
C TYR A 169 -0.58 -3.03 5.91
N TYR A 170 0.09 -2.67 4.81
CA TYR A 170 0.75 -1.38 4.74
C TYR A 170 -0.25 -0.25 4.89
N GLY A 171 0.08 0.71 5.74
CA GLY A 171 -0.80 1.84 6.02
C GLY A 171 -1.94 1.55 6.96
N LYS A 172 -1.98 0.36 7.57
CA LYS A 172 -3.04 -0.02 8.48
C LYS A 172 -2.56 0.10 9.94
N TYR A 173 -3.54 0.17 10.83
CA TYR A 173 -3.30 0.32 12.27
C TYR A 173 -3.65 -0.99 12.96
N ILE A 174 -2.66 -1.61 13.60
CA ILE A 174 -2.83 -2.89 14.27
C ILE A 174 -2.18 -2.85 15.64
N ALA A 175 -2.44 -3.88 16.43
CA ALA A 175 -1.87 -4.05 17.76
C ALA A 175 -1.08 -5.34 17.80
N LEU A 176 0.13 -5.29 18.35
CA LEU A 176 1.00 -6.45 18.46
C LEU A 176 1.29 -6.74 19.93
N ARG A 177 1.80 -7.94 20.17
CA ARG A 177 2.28 -8.32 21.51
C ARG A 177 3.38 -9.34 21.33
N GLY A 178 4.60 -8.97 21.71
CA GLY A 178 5.74 -9.84 21.57
C GLY A 178 6.81 -9.51 22.58
N THR A 179 7.94 -10.22 22.48
CA THR A 179 9.06 -10.05 23.39
C THR A 179 10.08 -9.10 22.77
N VAL A 180 10.61 -8.20 23.60
CA VAL A 180 11.64 -7.27 23.16
C VAL A 180 12.98 -8.00 23.14
N VAL A 181 13.66 -7.96 21.99
CA VAL A 181 14.92 -8.65 21.80
CA VAL A 181 14.92 -8.65 21.82
C VAL A 181 16.07 -7.66 21.64
N ARG A 182 15.84 -6.55 20.97
CA ARG A 182 16.89 -5.55 20.77
C ARG A 182 16.32 -4.15 21.01
N VAL A 183 17.14 -3.30 21.64
CA VAL A 183 16.80 -1.90 21.89
C VAL A 183 18.01 -1.07 21.50
N SER A 184 17.88 -0.30 20.41
CA SER A 184 18.97 0.54 19.94
C SER A 184 19.09 1.77 20.84
N ASN A 185 20.11 2.58 20.57
N ASN A 185 20.11 2.59 20.56
CA ASN A 185 20.35 3.80 21.35
CA ASN A 185 20.34 3.79 21.34
C ASN A 185 19.53 4.96 20.80
C ASN A 185 19.49 4.95 20.81
N ILE A 186 19.33 5.97 21.64
CA ILE A 186 18.52 7.13 21.29
C ILE A 186 19.32 8.05 20.38
N LYS A 187 18.69 8.49 19.29
CA LYS A 187 19.33 9.36 18.31
C LYS A 187 18.33 10.42 17.87
N PRO A 188 18.81 11.61 17.50
CA PRO A 188 17.90 12.65 16.98
C PRO A 188 17.36 12.28 15.61
N LEU A 189 16.18 12.79 15.32
CA LEU A 189 15.51 12.51 14.04
C LEU A 189 14.69 13.73 13.64
N CYS A 190 15.02 14.34 12.51
CA CYS A 190 14.30 15.50 12.00
C CYS A 190 13.09 15.02 11.23
N THR A 191 11.91 15.13 11.83
CA THR A 191 10.70 14.65 11.20
C THR A 191 10.16 15.64 10.17
N LYS A 192 10.14 16.93 10.51
CA LYS A 192 9.62 17.96 9.63
C LYS A 192 10.64 19.07 9.47
N MET A 193 10.53 19.79 8.35
CA MET A 193 11.42 20.91 8.05
C MET A 193 10.59 22.06 7.53
N ALA A 194 10.72 23.22 8.16
CA ALA A 194 9.95 24.40 7.77
C ALA A 194 10.54 25.03 6.52
N PHE A 195 9.66 25.54 5.66
CA PHE A 195 10.07 26.19 4.42
C PHE A 195 9.27 27.46 4.23
N LEU A 196 9.96 28.55 3.87
CA LEU A 196 9.32 29.84 3.65
C LEU A 196 9.24 30.11 2.16
N CYS A 197 8.03 30.32 1.66
CA CYS A 197 7.83 30.62 0.24
C CYS A 197 8.12 32.08 -0.03
N ALA A 198 9.07 32.34 -0.94
CA ALA A 198 9.45 33.71 -1.26
C ALA A 198 8.40 34.45 -2.07
N ALA A 199 7.32 33.78 -2.48
CA ALA A 199 6.29 34.43 -3.27
C ALA A 199 5.28 35.16 -2.39
N CYS A 200 4.61 34.43 -1.50
CA CYS A 200 3.59 35.01 -0.63
C CYS A 200 4.01 35.08 0.83
N GLY A 201 5.19 34.56 1.18
CA GLY A 201 5.64 34.60 2.55
C GLY A 201 5.07 33.53 3.45
N GLU A 202 4.40 32.53 2.90
CA GLU A 202 3.81 31.47 3.71
C GLU A 202 4.87 30.48 4.14
N ILE A 203 4.77 30.02 5.38
CA ILE A 203 5.71 29.05 5.96
C ILE A 203 4.98 27.72 6.11
N GLN A 204 5.51 26.68 5.48
CA GLN A 204 4.91 25.36 5.51
C GLN A 204 5.80 24.40 6.29
N SER A 205 5.17 23.42 6.94
CA SER A 205 5.87 22.38 7.68
C SER A 205 5.92 21.13 6.80
N PHE A 206 7.04 20.95 6.11
CA PHE A 206 7.16 19.89 5.11
C PHE A 206 7.79 18.66 5.75
N PRO A 207 7.11 17.52 5.76
CA PRO A 207 7.70 16.31 6.33
C PRO A 207 8.83 15.77 5.45
N LEU A 208 9.82 15.17 6.10
CA LEU A 208 10.90 14.47 5.42
C LEU A 208 10.63 12.98 5.46
N PRO A 209 10.75 12.27 4.32
CA PRO A 209 10.34 10.86 4.27
C PRO A 209 11.08 9.97 5.26
N ASP A 210 12.40 9.87 5.11
CA ASP A 210 13.22 9.04 5.98
C ASP A 210 14.29 9.88 6.67
N GLY A 211 13.91 11.08 7.12
CA GLY A 211 14.90 12.03 7.57
C GLY A 211 15.76 12.59 6.48
N LYS A 212 15.46 12.26 5.22
CA LYS A 212 16.22 12.77 4.08
C LYS A 212 15.80 14.19 3.77
N TYR A 213 16.76 15.10 3.72
CA TYR A 213 16.49 16.49 3.41
C TYR A 213 15.94 16.63 2.00
N SER A 214 14.73 17.13 1.87
CA SER A 214 14.08 17.31 0.58
C SER A 214 13.41 18.68 0.55
N LEU A 215 13.08 19.12 -0.67
CA LEU A 215 12.49 20.43 -0.86
C LEU A 215 11.07 20.32 -1.40
N PRO A 216 10.15 21.18 -0.97
CA PRO A 216 8.80 21.16 -1.51
C PRO A 216 8.78 21.57 -2.98
N THR A 217 7.75 21.10 -3.68
CA THR A 217 7.61 21.38 -5.10
C THR A 217 6.61 22.50 -5.40
N LYS A 218 5.73 22.83 -4.47
CA LYS A 218 4.74 23.87 -4.70
C LYS A 218 4.31 24.44 -3.35
N CYS A 219 3.87 25.69 -3.38
CA CYS A 219 3.39 26.32 -2.15
C CYS A 219 1.99 25.80 -1.83
N PRO A 220 1.72 25.41 -0.57
CA PRO A 220 0.41 24.83 -0.24
C PRO A 220 -0.76 25.78 -0.38
N VAL A 221 -0.52 27.08 -0.60
CA VAL A 221 -1.61 28.03 -0.79
C VAL A 221 -2.21 27.78 -2.17
N PRO A 222 -3.52 28.00 -2.36
CA PRO A 222 -4.15 27.73 -3.65
C PRO A 222 -3.97 28.84 -4.68
N VAL A 223 -3.26 29.92 -4.34
CA VAL A 223 -3.13 31.06 -5.25
C VAL A 223 -1.84 30.94 -6.05
N CYS A 224 -0.70 31.02 -5.37
CA CYS A 224 0.60 31.04 -6.03
C CYS A 224 1.29 29.68 -5.91
N ARG A 225 2.16 29.40 -6.88
CA ARG A 225 3.03 28.22 -6.87
C ARG A 225 4.45 28.73 -7.09
N GLY A 226 5.05 29.26 -6.01
CA GLY A 226 6.37 29.87 -6.12
C GLY A 226 7.45 28.87 -6.50
N ARG A 227 7.36 27.65 -5.99
CA ARG A 227 8.31 26.58 -6.29
C ARG A 227 9.74 26.97 -5.90
N SER A 228 9.89 27.82 -4.90
CA SER A 228 11.20 28.25 -4.42
C SER A 228 11.05 28.59 -2.95
N PHE A 229 11.68 27.79 -2.08
CA PHE A 229 11.49 27.89 -0.65
C PHE A 229 12.83 27.91 0.07
N THR A 230 12.87 28.57 1.22
CA THR A 230 14.05 28.67 2.06
C THR A 230 13.83 27.88 3.33
N ALA A 231 14.82 27.08 3.71
CA ALA A 231 14.70 26.25 4.90
C ALA A 231 14.80 27.09 6.16
N LEU A 232 13.90 26.84 7.12
CA LEU A 232 13.88 27.50 8.41
C LEU A 232 14.14 26.43 9.47
N ARG A 233 15.43 26.12 9.68
CA ARG A 233 15.80 25.04 10.59
C ARG A 233 15.50 25.39 12.04
N SER A 234 15.50 26.68 12.38
CA SER A 234 15.23 27.12 13.74
C SER A 234 13.75 27.34 14.01
N SER A 235 12.90 27.17 13.00
CA SER A 235 11.47 27.40 13.18
C SER A 235 10.85 26.31 14.05
N PRO A 236 9.82 26.64 14.82
CA PRO A 236 9.11 25.59 15.58
C PRO A 236 8.42 24.58 14.69
N LEU A 237 8.15 24.91 13.42
CA LEU A 237 7.59 23.95 12.48
C LEU A 237 8.61 22.89 12.05
N THR A 238 9.88 23.08 12.37
CA THR A 238 10.91 22.07 12.13
C THR A 238 10.99 21.17 13.35
N VAL A 239 10.50 19.94 13.22
CA VAL A 239 10.36 19.02 14.34
C VAL A 239 11.61 18.14 14.43
N THR A 240 12.14 18.01 15.64
CA THR A 240 13.27 17.12 15.92
C THR A 240 12.98 16.41 17.24
N MET A 241 12.76 15.11 17.19
CA MET A 241 12.40 14.33 18.36
C MET A 241 13.39 13.20 18.57
N ASP A 242 13.44 12.70 19.80
CA ASP A 242 14.28 11.55 20.11
C ASP A 242 13.73 10.30 19.42
N TRP A 243 14.63 9.53 18.81
CA TRP A 243 14.27 8.35 18.04
C TRP A 243 14.96 7.13 18.60
N GLN A 244 14.23 6.01 18.65
CA GLN A 244 14.77 4.75 19.13
C GLN A 244 14.12 3.62 18.35
N SER A 245 14.92 2.63 17.97
CA SER A 245 14.46 1.48 17.22
C SER A 245 14.57 0.23 18.09
N ILE A 246 13.46 -0.48 18.25
CA ILE A 246 13.43 -1.73 19.00
C ILE A 246 12.97 -2.84 18.06
N LYS A 247 13.33 -4.07 18.43
CA LYS A 247 12.99 -5.26 17.67
C LYS A 247 12.09 -6.14 18.53
N ILE A 248 11.00 -6.63 17.93
CA ILE A 248 9.99 -7.40 18.65
C ILE A 248 9.94 -8.81 18.05
N GLN A 249 9.92 -9.82 18.91
CA GLN A 249 9.79 -11.21 18.50
C GLN A 249 8.47 -11.77 19.01
N GLU A 250 7.78 -12.53 18.16
CA GLU A 250 6.46 -13.02 18.49
C GLU A 250 6.54 -14.04 19.63
N LEU A 251 5.41 -14.19 20.33
CA LEU A 251 5.29 -15.15 21.42
C LEU A 251 5.07 -16.53 20.81
N MET A 252 6.12 -17.34 20.78
CA MET A 252 6.09 -18.66 20.16
C MET A 252 5.83 -19.73 21.22
N SER A 253 4.90 -20.63 20.94
CA SER A 253 4.73 -21.84 21.74
C SER A 253 5.92 -22.75 21.46
N ASP A 254 6.75 -22.98 22.47
CA ASP A 254 8.04 -23.63 22.26
C ASP A 254 7.91 -25.05 21.74
N ASP A 255 6.75 -25.66 21.84
CA ASP A 255 6.58 -27.02 21.32
C ASP A 255 5.41 -27.15 20.37
N GLN A 256 4.30 -26.48 20.63
CA GLN A 256 3.14 -26.57 19.74
C GLN A 256 3.44 -26.00 18.37
N ARG A 257 3.72 -24.70 18.31
CA ARG A 257 4.01 -24.02 17.06
C ARG A 257 5.44 -24.26 16.57
N GLU A 258 6.20 -25.10 17.26
CA GLU A 258 7.54 -25.48 16.80
C GLU A 258 7.47 -26.83 16.10
N ALA A 259 6.84 -26.81 14.92
CA ALA A 259 6.75 -27.96 14.03
C ALA A 259 7.32 -27.62 12.66
N GLY A 260 8.40 -26.83 12.66
CA GLY A 260 8.96 -26.30 11.44
C GLY A 260 8.76 -24.83 11.22
N ARG A 261 8.33 -24.09 12.24
CA ARG A 261 8.05 -22.66 12.13
C ARG A 261 9.09 -21.87 12.92
N ILE A 262 9.58 -20.80 12.32
CA ILE A 262 10.59 -19.95 12.95
C ILE A 262 9.89 -18.74 13.57
N PRO A 263 10.34 -18.23 14.70
CA PRO A 263 9.72 -17.03 15.29
C PRO A 263 9.98 -15.81 14.42
N ARG A 264 8.92 -15.19 13.95
CA ARG A 264 9.04 -13.98 13.13
C ARG A 264 9.32 -12.77 14.02
N THR A 265 10.01 -11.79 13.44
CA THR A 265 10.37 -10.57 14.14
C THR A 265 10.01 -9.36 13.28
N ILE A 266 9.96 -8.19 13.91
CA ILE A 266 9.64 -6.96 13.22
C ILE A 266 10.22 -5.80 14.03
N GLU A 267 10.66 -4.76 13.32
CA GLU A 267 11.21 -3.56 13.95
C GLU A 267 10.09 -2.59 14.31
N CYS A 268 10.25 -1.92 15.46
CA CYS A 268 9.32 -0.90 15.90
C CYS A 268 10.09 0.38 16.18
N GLU A 269 9.58 1.50 15.67
CA GLU A 269 10.23 2.80 15.82
C GLU A 269 9.50 3.60 16.90
N LEU A 270 10.17 3.80 18.03
CA LEU A 270 9.65 4.65 19.08
C LEU A 270 10.10 6.10 18.85
N VAL A 271 9.35 7.03 19.42
CA VAL A 271 9.66 8.45 19.25
C VAL A 271 9.11 9.22 20.44
N HIS A 272 9.82 10.28 20.83
CA HIS A 272 9.39 11.25 21.83
C HIS A 272 9.15 10.52 23.15
N ASP A 273 7.94 10.53 23.71
CA ASP A 273 7.71 9.96 25.04
C ASP A 273 7.75 8.43 25.03
N LEU A 274 7.62 7.80 23.88
CA LEU A 274 7.71 6.34 23.82
C LEU A 274 9.16 5.85 23.93
N VAL A 275 10.13 6.74 23.72
CA VAL A 275 11.53 6.35 23.77
C VAL A 275 11.91 5.89 25.18
N ASP A 276 12.68 4.81 25.25
CA ASP A 276 13.20 4.27 26.51
C ASP A 276 12.06 3.82 27.43
N SER A 277 11.18 2.99 26.88
CA SER A 277 10.04 2.46 27.62
C SER A 277 10.10 0.95 27.80
N CYS A 278 11.17 0.30 27.34
CA CYS A 278 11.29 -1.14 27.46
C CYS A 278 12.75 -1.54 27.32
N VAL A 279 13.12 -2.63 27.99
CA VAL A 279 14.45 -3.20 27.90
C VAL A 279 14.35 -4.55 27.22
N PRO A 280 15.43 -5.09 26.64
CA PRO A 280 15.36 -6.41 26.00
C PRO A 280 14.93 -7.48 27.01
N GLY A 281 14.02 -8.34 26.57
CA GLY A 281 13.44 -9.37 27.40
C GLY A 281 12.05 -9.06 27.91
N ASP A 282 11.64 -7.79 27.88
CA ASP A 282 10.30 -7.42 28.31
C ASP A 282 9.27 -7.88 27.29
N THR A 283 8.04 -8.04 27.77
CA THR A 283 6.89 -8.37 26.94
C THR A 283 6.00 -7.14 26.86
N VAL A 284 5.88 -6.56 25.68
CA VAL A 284 5.17 -5.30 25.49
C VAL A 284 4.03 -5.50 24.51
N THR A 285 3.03 -4.63 24.62
CA THR A 285 1.93 -4.52 23.67
C THR A 285 2.09 -3.20 22.92
N ILE A 286 2.21 -3.28 21.60
CA ILE A 286 2.52 -2.11 20.76
C ILE A 286 1.38 -1.92 19.78
N THR A 287 0.89 -0.69 19.69
CA THR A 287 -0.03 -0.27 18.64
C THR A 287 0.67 0.74 17.74
N GLY A 288 0.30 0.75 16.47
CA GLY A 288 0.93 1.66 15.53
C GLY A 288 0.52 1.36 14.10
N ILE A 289 1.26 1.97 13.19
CA ILE A 289 0.96 1.91 11.75
C ILE A 289 2.01 1.05 11.07
N VAL A 290 1.55 0.17 10.18
CA VAL A 290 2.47 -0.64 9.37
C VAL A 290 2.99 0.21 8.23
N LYS A 291 4.30 0.25 8.06
CA LYS A 291 4.93 1.03 7.01
C LYS A 291 6.05 0.21 6.39
N VAL A 292 6.50 0.66 5.22
CA VAL A 292 7.55 -0.02 4.47
C VAL A 292 8.90 0.59 4.85
N SER A 293 9.86 -0.27 5.18
CA SER A 293 11.19 0.18 5.56
C SER A 293 12.03 0.49 4.33
N ASN A 294 12.86 1.53 4.43
CA ASN A 294 13.73 1.96 3.33
C ASN A 294 15.09 2.32 3.93
N ALA A 295 16.02 1.36 3.90
CA ALA A 295 17.36 1.59 4.42
C ALA A 295 18.41 1.24 3.37
N ASN A 303 23.49 -15.79 2.67
CA ASN A 303 22.87 -14.58 2.16
C ASN A 303 21.82 -14.06 3.15
N ASP A 304 21.75 -12.73 3.31
CA ASP A 304 20.93 -12.15 4.36
C ASP A 304 20.10 -10.95 3.92
N LYS A 305 20.19 -10.51 2.67
CA LYS A 305 19.57 -9.26 2.25
C LYS A 305 18.23 -9.54 1.58
N CYS A 306 17.15 -9.13 2.23
CA CYS A 306 15.82 -9.13 1.63
C CYS A 306 15.36 -7.70 1.49
N MET A 307 14.80 -7.37 0.32
CA MET A 307 14.59 -6.00 -0.10
C MET A 307 13.22 -5.45 0.29
N PHE A 308 12.42 -6.21 1.05
CA PHE A 308 11.10 -5.75 1.47
C PHE A 308 10.93 -6.07 2.94
N LEU A 309 10.95 -5.04 3.78
CA LEU A 309 10.75 -5.19 5.22
C LEU A 309 9.65 -4.25 5.68
N LEU A 310 8.77 -4.76 6.55
CA LEU A 310 7.76 -3.96 7.20
C LEU A 310 8.18 -3.65 8.62
N TYR A 311 7.87 -2.44 9.08
CA TYR A 311 8.11 -2.04 10.45
C TYR A 311 6.86 -1.35 11.00
N ILE A 312 6.83 -1.19 12.32
CA ILE A 312 5.69 -0.58 13.00
C ILE A 312 6.13 0.80 13.50
N GLU A 313 5.54 1.84 12.93
CA GLU A 313 5.65 3.19 13.51
C GLU A 313 4.82 3.20 14.78
N ALA A 314 5.49 3.08 15.93
CA ALA A 314 4.79 2.87 17.18
C ALA A 314 3.96 4.08 17.56
N ASN A 315 2.67 3.85 17.84
CA ASN A 315 1.80 4.89 18.35
C ASN A 315 1.59 4.79 19.86
N SER A 316 1.79 3.60 20.44
CA SER A 316 1.74 3.44 21.89
C SER A 316 2.44 2.13 22.23
N ILE A 317 2.90 2.04 23.48
CA ILE A 317 3.58 0.85 23.98
C ILE A 317 3.19 0.66 25.44
N SER A 318 2.82 -0.57 25.80
CA SER A 318 2.44 -0.92 27.16
C SER A 318 3.35 -2.03 27.65
N ASN A 319 4.14 -1.75 28.68
CA ASN A 319 5.08 -2.69 29.25
C ASN A 319 4.58 -3.14 30.62
N SER A 320 4.51 -4.45 30.82
CA SER A 320 4.02 -4.99 32.09
C SER A 320 5.01 -4.71 33.22
N LYS A 321 6.24 -5.17 33.07
CA LYS A 321 7.26 -4.97 34.09
C LYS A 321 8.07 -3.70 33.83
N PRO B 29 -23.60 -6.87 -20.75
CA PRO B 29 -22.96 -6.11 -21.83
C PRO B 29 -21.54 -6.59 -22.13
N TYR B 30 -20.94 -7.29 -21.17
CA TYR B 30 -19.59 -7.82 -21.32
C TYR B 30 -19.62 -9.32 -20.98
N LYS B 31 -19.43 -10.15 -22.00
CA LYS B 31 -19.46 -11.60 -21.79
C LYS B 31 -18.33 -12.05 -20.88
N GLY B 32 -17.13 -11.52 -21.08
CA GLY B 32 -15.98 -11.93 -20.29
C GLY B 32 -15.66 -10.96 -19.16
N TRP B 33 -16.69 -10.36 -18.56
CA TRP B 33 -16.47 -9.42 -17.47
C TRP B 33 -15.81 -10.11 -16.28
N LYS B 34 -16.37 -11.24 -15.85
CA LYS B 34 -15.83 -11.96 -14.70
C LYS B 34 -14.51 -12.66 -15.01
N LEU B 35 -14.03 -12.60 -16.25
CA LEU B 35 -12.71 -13.12 -16.58
C LEU B 35 -11.59 -12.14 -16.25
N TYR B 36 -11.92 -10.90 -15.92
CA TYR B 36 -10.91 -9.89 -15.61
C TYR B 36 -11.16 -9.18 -14.29
N PHE B 37 -12.43 -8.93 -13.94
CA PHE B 37 -12.77 -8.19 -12.74
C PHE B 37 -13.58 -9.06 -11.80
N SER B 38 -13.23 -9.02 -10.51
CA SER B 38 -14.02 -9.68 -9.48
C SER B 38 -15.16 -8.82 -8.97
N GLU B 39 -15.14 -7.53 -9.27
CA GLU B 39 -16.21 -6.64 -8.85
C GLU B 39 -17.46 -6.89 -9.67
N VAL B 40 -18.62 -6.57 -9.09
CA VAL B 40 -19.88 -6.73 -9.80
C VAL B 40 -20.00 -5.67 -10.88
N TYR B 41 -20.61 -6.04 -12.01
CA TYR B 41 -20.76 -5.11 -13.11
C TYR B 41 -21.78 -4.03 -12.76
N SER B 42 -21.48 -2.80 -13.17
CA SER B 42 -22.38 -1.67 -12.96
C SER B 42 -22.19 -0.69 -14.10
N ASP B 43 -23.31 -0.20 -14.65
CA ASP B 43 -23.25 0.75 -15.75
C ASP B 43 -22.64 2.08 -15.33
N SER B 44 -22.64 2.39 -14.04
CA SER B 44 -22.09 3.63 -13.53
C SER B 44 -20.69 3.45 -12.94
N SER B 45 -20.12 2.26 -13.05
CA SER B 45 -18.79 2.02 -12.48
C SER B 45 -17.75 2.81 -13.28
N PRO B 46 -16.72 3.35 -12.61
CA PRO B 46 -15.70 4.13 -13.33
C PRO B 46 -14.83 3.30 -14.26
N LEU B 47 -14.94 1.97 -14.22
CA LEU B 47 -14.14 1.12 -15.09
C LEU B 47 -14.66 1.10 -16.52
N ILE B 48 -15.94 1.42 -16.74
CA ILE B 48 -16.53 1.29 -18.07
C ILE B 48 -15.84 2.22 -19.06
N GLU B 49 -15.66 3.48 -18.67
CA GLU B 49 -15.03 4.45 -19.57
C GLU B 49 -13.58 4.10 -19.86
N LYS B 50 -12.87 3.52 -18.89
CA LYS B 50 -11.50 3.09 -19.13
C LYS B 50 -11.47 1.83 -20.00
N ILE B 51 -12.45 0.94 -19.81
CA ILE B 51 -12.55 -0.25 -20.67
C ILE B 51 -12.86 0.17 -22.11
N GLN B 52 -13.87 1.02 -22.29
CA GLN B 52 -14.22 1.50 -23.62
C GLN B 52 -13.13 2.36 -24.23
N ALA B 53 -12.23 2.93 -23.41
CA ALA B 53 -11.12 3.71 -23.94
C ALA B 53 -10.23 2.84 -24.81
N PHE B 54 -9.87 1.66 -24.33
CA PHE B 54 -9.05 0.74 -25.12
C PHE B 54 -9.84 0.05 -26.22
N GLU B 55 -11.17 -0.06 -26.08
CA GLU B 55 -11.97 -0.67 -27.13
C GLU B 55 -11.85 0.10 -28.44
N LYS B 56 -11.79 1.43 -28.36
CA LYS B 56 -11.57 2.22 -29.56
C LYS B 56 -10.19 1.97 -30.14
N PHE B 57 -9.20 1.76 -29.26
CA PHE B 57 -7.83 1.53 -29.73
C PHE B 57 -7.74 0.21 -30.50
N PHE B 58 -8.25 -0.87 -29.92
CA PHE B 58 -8.15 -2.18 -30.57
C PHE B 58 -9.09 -2.30 -31.76
N THR B 59 -10.14 -1.48 -31.83
CA THR B 59 -11.03 -1.54 -32.99
C THR B 59 -10.38 -0.94 -34.23
N ARG B 60 -9.65 0.17 -34.05
CA ARG B 60 -8.94 0.78 -35.17
C ARG B 60 -7.81 -0.12 -35.67
N HIS B 61 -6.94 -0.54 -34.76
CA HIS B 61 -5.80 -1.40 -35.10
C HIS B 61 -6.12 -2.88 -34.98
N ILE B 62 -7.31 -3.29 -35.41
CA ILE B 62 -7.70 -4.70 -35.27
C ILE B 62 -6.92 -5.58 -36.23
N ASP B 63 -6.61 -5.08 -37.43
CA ASP B 63 -5.82 -5.83 -38.38
C ASP B 63 -4.32 -5.70 -38.16
N LEU B 64 -3.90 -4.81 -37.27
CA LEU B 64 -2.49 -4.71 -36.92
C LEU B 64 -2.01 -5.93 -36.16
N TYR B 65 -2.91 -6.70 -35.56
CA TYR B 65 -2.58 -7.90 -34.81
C TYR B 65 -3.23 -9.11 -35.47
N ASP B 66 -2.70 -10.29 -35.14
CA ASP B 66 -3.19 -11.54 -35.71
C ASP B 66 -4.28 -12.08 -34.80
N LYS B 67 -5.54 -11.94 -35.24
CA LYS B 67 -6.67 -12.45 -34.48
C LYS B 67 -6.60 -13.96 -34.30
N ASP B 68 -5.90 -14.67 -35.19
CA ASP B 68 -5.77 -16.12 -35.05
C ASP B 68 -4.82 -16.48 -33.91
N GLU B 69 -3.68 -15.81 -33.84
CA GLU B 69 -2.68 -16.12 -32.83
C GLU B 69 -3.08 -15.61 -31.46
N ILE B 70 -3.91 -14.57 -31.39
CA ILE B 70 -4.36 -14.05 -30.09
C ILE B 70 -5.22 -15.09 -29.38
N GLU B 71 -6.16 -15.69 -30.11
CA GLU B 71 -7.07 -16.66 -29.50
C GLU B 71 -6.33 -17.95 -29.13
N ARG B 72 -5.35 -18.35 -29.94
CA ARG B 72 -4.61 -19.57 -29.66
C ARG B 72 -3.66 -19.39 -28.48
N LYS B 73 -2.86 -18.32 -28.51
CA LYS B 73 -1.91 -18.06 -27.43
C LYS B 73 -2.54 -17.42 -26.21
N GLY B 74 -3.81 -16.99 -26.30
CA GLY B 74 -4.48 -16.43 -25.14
C GLY B 74 -3.93 -15.11 -24.66
N SER B 75 -3.29 -14.34 -25.53
CA SER B 75 -2.73 -13.06 -25.15
C SER B 75 -2.53 -12.21 -26.41
N ILE B 76 -2.34 -10.92 -26.19
CA ILE B 76 -2.07 -9.96 -27.27
C ILE B 76 -0.91 -9.08 -26.84
N LEU B 77 0.05 -8.90 -27.75
CA LEU B 77 1.20 -8.05 -27.49
C LEU B 77 0.93 -6.65 -28.02
N VAL B 78 1.01 -5.66 -27.15
CA VAL B 78 0.72 -4.27 -27.50
C VAL B 78 1.99 -3.46 -27.29
N ASP B 79 2.42 -2.75 -28.33
CA ASP B 79 3.59 -1.89 -28.24
C ASP B 79 3.25 -0.67 -27.39
N PHE B 80 4.11 -0.36 -26.42
CA PHE B 80 3.89 0.78 -25.56
C PHE B 80 3.94 2.10 -26.33
N LYS B 81 4.78 2.15 -27.37
CA LYS B 81 4.84 3.35 -28.21
C LYS B 81 3.58 3.52 -29.06
N GLU B 82 2.82 2.44 -29.28
CA GLU B 82 1.55 2.58 -29.97
C GLU B 82 0.49 3.23 -29.08
N LEU B 83 0.64 3.11 -27.76
CA LEU B 83 -0.33 3.66 -26.82
C LEU B 83 -0.06 5.12 -26.50
N THR B 84 1.20 5.45 -26.17
CA THR B 84 1.54 6.82 -25.81
C THR B 84 1.57 7.76 -27.00
N GLU B 85 1.48 7.25 -28.22
CA GLU B 85 1.46 8.11 -29.40
C GLU B 85 0.17 8.93 -29.43
N GLY B 86 0.30 10.24 -29.32
CA GLY B 86 -0.87 11.11 -29.32
C GLY B 86 -1.52 11.12 -30.70
N GLY B 87 -2.83 10.91 -30.72
CA GLY B 87 -3.55 10.90 -31.97
C GLY B 87 -5.02 10.64 -31.74
N GLU B 88 -5.74 10.47 -32.85
CA GLU B 88 -7.18 10.23 -32.77
C GLU B 88 -7.48 8.81 -32.29
N VAL B 89 -6.59 7.87 -32.55
CA VAL B 89 -6.81 6.49 -32.11
C VAL B 89 -6.67 6.39 -30.59
N THR B 90 -5.69 7.07 -30.02
CA THR B 90 -5.51 7.10 -28.57
C THR B 90 -6.21 8.31 -27.96
N ASN B 91 -7.46 8.53 -28.39
CA ASN B 91 -8.20 9.72 -27.97
C ASN B 91 -8.55 9.67 -26.49
N LEU B 92 -8.88 8.48 -25.98
CA LEU B 92 -9.41 8.32 -24.63
C LEU B 92 -8.38 7.76 -23.66
N ILE B 93 -7.11 7.74 -24.02
CA ILE B 93 -6.07 7.24 -23.12
C ILE B 93 -4.90 8.23 -23.06
N PRO B 94 -5.10 9.45 -22.52
CA PRO B 94 -4.01 10.41 -22.48
C PRO B 94 -2.99 10.09 -21.39
N ASP B 95 -3.46 9.55 -20.27
CA ASP B 95 -2.61 9.25 -19.12
C ASP B 95 -2.22 7.78 -19.05
N ILE B 96 -2.04 7.13 -20.20
CA ILE B 96 -1.73 5.70 -20.21
C ILE B 96 -0.35 5.43 -19.64
N ALA B 97 0.57 6.40 -19.76
CA ALA B 97 1.93 6.17 -19.27
C ALA B 97 1.98 6.15 -17.75
N THR B 98 1.16 6.97 -17.09
CA THR B 98 1.17 7.06 -15.63
C THR B 98 0.14 6.16 -14.97
N GLU B 99 -0.99 5.88 -15.62
CA GLU B 99 -1.97 4.99 -15.03
C GLU B 99 -1.51 3.54 -15.05
N LEU B 100 -0.76 3.15 -16.09
CA LEU B 100 -0.19 1.81 -16.12
C LEU B 100 0.93 1.67 -15.09
N ARG B 101 1.68 2.74 -14.85
CA ARG B 101 2.81 2.69 -13.93
C ARG B 101 2.33 2.53 -12.48
N ASP B 102 1.39 3.36 -12.06
CA ASP B 102 0.96 3.38 -10.67
C ASP B 102 -0.24 2.46 -10.40
N ALA B 103 -0.98 2.06 -11.42
CA ALA B 103 -2.11 1.14 -11.27
C ALA B 103 -2.08 0.12 -12.40
N PRO B 104 -1.09 -0.79 -12.37
CA PRO B 104 -0.96 -1.73 -13.50
C PRO B 104 -2.05 -2.79 -13.54
N GLU B 105 -2.41 -3.37 -12.40
CA GLU B 105 -3.46 -4.38 -12.38
C GLU B 105 -4.79 -3.83 -12.88
N LYS B 106 -5.12 -2.60 -12.47
CA LYS B 106 -6.38 -2.00 -12.90
C LYS B 106 -6.36 -1.70 -14.40
N THR B 107 -5.23 -1.19 -14.92
CA THR B 107 -5.16 -0.82 -16.33
C THR B 107 -5.09 -2.06 -17.21
N LEU B 108 -4.24 -3.03 -16.87
CA LEU B 108 -4.11 -4.24 -17.68
C LEU B 108 -5.40 -5.05 -17.67
N ALA B 109 -6.21 -4.94 -16.62
CA ALA B 109 -7.49 -5.62 -16.61
C ALA B 109 -8.48 -4.99 -17.57
N CYS B 110 -8.56 -3.65 -17.55
CA CYS B 110 -9.44 -2.96 -18.49
C CYS B 110 -8.99 -3.18 -19.93
N MET B 111 -7.69 -3.18 -20.17
CA MET B 111 -7.17 -3.44 -21.51
C MET B 111 -7.43 -4.88 -21.94
N GLY B 112 -7.38 -5.83 -20.99
CA GLY B 112 -7.66 -7.21 -21.34
C GLY B 112 -9.12 -7.44 -21.71
N LEU B 113 -10.04 -6.84 -20.96
CA LEU B 113 -11.45 -6.99 -21.28
C LEU B 113 -11.80 -6.25 -22.57
N ALA B 114 -11.06 -5.19 -22.89
CA ALA B 114 -11.34 -4.45 -24.13
C ALA B 114 -11.10 -5.31 -25.35
N ILE B 115 -9.90 -5.89 -25.48
CA ILE B 115 -9.60 -6.73 -26.63
C ILE B 115 -10.49 -7.96 -26.66
N HIS B 116 -10.88 -8.48 -25.48
CA HIS B 116 -11.81 -9.59 -25.44
C HIS B 116 -13.18 -9.18 -25.97
N GLN B 117 -13.64 -7.98 -25.61
CA GLN B 117 -14.92 -7.49 -26.11
C GLN B 117 -14.88 -7.20 -27.60
N VAL B 118 -13.73 -6.71 -28.10
CA VAL B 118 -13.63 -6.40 -29.52
C VAL B 118 -13.61 -7.68 -30.35
N LEU B 119 -12.87 -8.70 -29.90
CA LEU B 119 -12.83 -9.97 -30.62
C LEU B 119 -14.15 -10.70 -30.53
N THR B 120 -14.87 -10.55 -29.42
CA THR B 120 -16.18 -11.20 -29.28
C THR B 120 -17.18 -10.64 -30.26
N LYS B 121 -17.30 -9.30 -30.33
CA LYS B 121 -18.26 -8.68 -31.22
C LYS B 121 -17.86 -8.85 -32.68
N ASP B 122 -16.56 -8.96 -32.97
CA ASP B 122 -16.12 -9.14 -34.35
C ASP B 122 -16.42 -10.55 -34.85
N LEU B 123 -16.21 -11.56 -33.99
CA LEU B 123 -16.51 -12.93 -34.39
C LEU B 123 -18.02 -13.17 -34.48
N GLU B 124 -18.80 -12.52 -33.61
CA GLU B 124 -20.25 -12.63 -33.70
C GLU B 124 -20.76 -11.98 -34.99
N ARG B 125 -20.14 -10.88 -35.40
CA ARG B 125 -20.49 -10.27 -36.69
C ARG B 125 -20.09 -11.18 -37.84
N HIS B 126 -18.97 -11.89 -37.71
CA HIS B 126 -18.61 -12.89 -38.70
C HIS B 126 -19.57 -14.08 -38.66
N ALA B 127 -19.95 -14.52 -37.46
CA ALA B 127 -20.89 -15.61 -37.33
C ALA B 127 -22.30 -15.20 -37.76
N ALA B 128 -22.61 -13.90 -37.77
CA ALA B 128 -23.92 -13.45 -38.22
C ALA B 128 -24.11 -13.72 -39.71
N GLU B 129 -23.09 -13.44 -40.52
CA GLU B 129 -23.17 -13.75 -41.95
C GLU B 129 -23.17 -15.26 -42.19
N LEU B 130 -22.54 -16.03 -41.31
CA LEU B 130 -22.51 -17.48 -41.43
C LEU B 130 -23.89 -18.08 -41.14
N VAL B 144 -20.28 -17.69 -29.75
CA VAL B 144 -18.87 -17.35 -29.68
C VAL B 144 -18.46 -17.12 -28.23
N ASN B 145 -17.57 -17.98 -27.74
CA ASN B 145 -17.06 -17.91 -26.37
C ASN B 145 -15.55 -17.69 -26.44
N VAL B 146 -15.14 -16.43 -26.43
CA VAL B 146 -13.72 -16.09 -26.50
C VAL B 146 -13.07 -16.38 -25.14
N PRO B 147 -11.93 -17.08 -25.11
CA PRO B 147 -11.28 -17.33 -23.82
C PRO B 147 -10.59 -16.09 -23.27
N HIS B 148 -10.01 -16.21 -22.07
CA HIS B 148 -9.31 -15.08 -21.46
C HIS B 148 -8.12 -14.68 -22.31
N ILE B 149 -7.88 -13.37 -22.37
CA ILE B 149 -6.79 -12.81 -23.17
C ILE B 149 -5.94 -11.93 -22.26
N HIS B 150 -4.67 -12.29 -22.10
CA HIS B 150 -3.74 -11.48 -21.32
C HIS B 150 -3.33 -10.25 -22.12
N ALA B 151 -3.53 -9.07 -21.54
CA ALA B 151 -3.06 -7.83 -22.15
C ALA B 151 -1.59 -7.65 -21.79
N ARG B 152 -0.71 -7.87 -22.77
CA ARG B 152 0.74 -7.83 -22.55
C ARG B 152 1.31 -6.63 -23.26
N VAL B 153 1.82 -5.66 -22.50
CA VAL B 153 2.45 -4.47 -23.03
C VAL B 153 3.96 -4.68 -23.03
N TYR B 154 4.59 -4.48 -24.19
CA TYR B 154 6.03 -4.57 -24.32
C TYR B 154 6.59 -3.23 -24.76
N ASN B 155 7.92 -3.16 -24.81
CA ASN B 155 8.64 -1.93 -25.19
C ASN B 155 8.28 -0.77 -24.26
N TYR B 156 8.13 -1.07 -22.97
CA TYR B 156 7.77 -0.05 -22.00
C TYR B 156 9.00 0.75 -21.60
N GLU B 157 8.83 2.07 -21.52
CA GLU B 157 9.87 3.00 -21.12
C GLU B 157 9.36 3.86 -19.97
N PRO B 158 10.25 4.32 -19.08
CA PRO B 158 11.70 4.09 -19.09
C PRO B 158 12.13 2.78 -18.44
N LEU B 159 13.30 2.28 -18.83
CA LEU B 159 13.86 1.09 -18.23
C LEU B 159 14.28 1.40 -16.79
N THR B 160 14.21 0.37 -15.93
CA THR B 160 14.57 0.50 -14.53
C THR B 160 15.69 -0.48 -14.22
N GLN B 161 16.77 0.02 -13.64
CA GLN B 161 17.90 -0.82 -13.26
C GLN B 161 17.59 -1.57 -11.97
N LEU B 162 18.07 -2.81 -11.89
CA LEU B 162 17.80 -3.66 -10.74
C LEU B 162 18.40 -3.10 -9.45
N LYS B 163 19.39 -2.21 -9.56
CA LYS B 163 19.97 -1.60 -8.38
C LYS B 163 18.95 -0.76 -7.62
N ASN B 164 18.07 -0.07 -8.34
CA ASN B 164 17.13 0.87 -7.74
C ASN B 164 15.74 0.26 -7.52
N VAL B 165 15.54 -1.00 -7.87
CA VAL B 165 14.25 -1.65 -7.60
C VAL B 165 14.17 -1.97 -6.11
N ARG B 166 13.87 -0.95 -5.31
CA ARG B 166 13.75 -1.10 -3.87
C ARG B 166 12.36 -1.60 -3.50
N ALA B 167 11.96 -1.39 -2.25
CA ALA B 167 10.59 -1.64 -1.83
C ALA B 167 9.66 -0.49 -2.16
N ASN B 168 10.18 0.57 -2.78
CA ASN B 168 9.33 1.71 -3.15
C ASN B 168 8.49 1.40 -4.38
N TYR B 169 8.99 0.54 -5.27
CA TYR B 169 8.28 0.19 -6.49
C TYR B 169 7.18 -0.85 -6.27
N TYR B 170 6.82 -1.14 -5.02
CA TYR B 170 5.81 -2.15 -4.74
C TYR B 170 4.48 -1.79 -5.39
N GLY B 171 3.95 -2.74 -6.17
CA GLY B 171 2.69 -2.53 -6.86
C GLY B 171 2.75 -1.64 -8.07
N LYS B 172 3.95 -1.40 -8.61
CA LYS B 172 4.12 -0.51 -9.75
C LYS B 172 4.67 -1.28 -10.95
N TYR B 173 4.43 -0.72 -12.14
CA TYR B 173 4.84 -1.33 -13.39
C TYR B 173 6.22 -0.82 -13.78
N ILE B 174 7.14 -1.74 -14.06
CA ILE B 174 8.51 -1.39 -14.40
C ILE B 174 8.94 -2.20 -15.63
N ALA B 175 10.12 -1.87 -16.14
CA ALA B 175 10.77 -2.64 -17.20
C ALA B 175 12.24 -2.76 -16.84
N LEU B 176 12.72 -4.00 -16.73
CA LEU B 176 14.09 -4.26 -16.33
C LEU B 176 14.78 -5.14 -17.37
N ARG B 177 16.11 -5.19 -17.28
CA ARG B 177 16.92 -5.95 -18.21
C ARG B 177 18.05 -6.62 -17.45
N GLY B 178 18.28 -7.90 -17.73
CA GLY B 178 19.33 -8.63 -17.04
C GLY B 178 19.57 -9.97 -17.69
N THR B 179 20.46 -10.74 -17.06
CA THR B 179 20.83 -12.06 -17.55
C THR B 179 20.09 -13.12 -16.72
N VAL B 180 19.46 -14.07 -17.41
CA VAL B 180 18.78 -15.16 -16.73
C VAL B 180 19.81 -16.12 -16.16
N VAL B 181 19.71 -16.40 -14.86
CA VAL B 181 20.64 -17.31 -14.19
C VAL B 181 19.99 -18.60 -13.73
N ARG B 182 18.65 -18.65 -13.63
CA ARG B 182 17.97 -19.85 -13.20
C ARG B 182 16.61 -19.93 -13.89
N VAL B 183 16.22 -21.15 -14.26
CA VAL B 183 14.92 -21.41 -14.88
C VAL B 183 14.38 -22.70 -14.27
N SER B 184 13.33 -22.58 -13.46
CA SER B 184 12.72 -23.75 -12.85
C SER B 184 11.86 -24.51 -13.85
N ASN B 185 11.24 -25.60 -13.40
CA ASN B 185 10.39 -26.39 -14.26
C ASN B 185 8.98 -25.81 -14.29
N ILE B 186 8.29 -26.05 -15.41
CA ILE B 186 6.93 -25.58 -15.57
C ILE B 186 5.99 -26.40 -14.69
N LYS B 187 5.11 -25.71 -13.96
CA LYS B 187 4.15 -26.35 -13.08
C LYS B 187 2.79 -25.67 -13.22
N PRO B 188 1.70 -26.43 -13.19
CA PRO B 188 0.38 -25.80 -13.25
C PRO B 188 0.07 -25.03 -11.97
N LEU B 189 -0.51 -23.84 -12.15
CA LEU B 189 -0.82 -22.96 -11.04
C LEU B 189 -2.29 -22.57 -11.10
N CYS B 190 -2.99 -22.75 -9.98
CA CYS B 190 -4.39 -22.36 -9.87
C CYS B 190 -4.45 -20.96 -9.28
N THR B 191 -4.70 -19.97 -10.15
CA THR B 191 -4.70 -18.58 -9.72
C THR B 191 -6.08 -18.13 -9.22
N LYS B 192 -7.15 -18.60 -9.85
CA LYS B 192 -8.50 -18.23 -9.47
C LYS B 192 -9.32 -19.49 -9.18
N MET B 193 -10.29 -19.34 -8.27
CA MET B 193 -11.19 -20.42 -7.90
C MET B 193 -12.61 -19.88 -7.88
N ALA B 194 -13.50 -20.54 -8.62
CA ALA B 194 -14.88 -20.09 -8.74
C ALA B 194 -15.72 -20.66 -7.60
N PHE B 195 -16.77 -19.92 -7.24
CA PHE B 195 -17.69 -20.32 -6.19
C PHE B 195 -19.10 -19.99 -6.60
N LEU B 196 -20.00 -20.98 -6.54
CA LEU B 196 -21.39 -20.80 -6.92
C LEU B 196 -22.23 -20.41 -5.71
N CYS B 197 -23.14 -19.46 -5.90
CA CYS B 197 -24.03 -19.00 -4.86
C CYS B 197 -25.38 -19.69 -5.03
N ALA B 198 -25.80 -20.43 -4.01
CA ALA B 198 -27.06 -21.18 -4.07
C ALA B 198 -28.29 -20.31 -3.79
N ALA B 199 -28.11 -19.03 -3.49
CA ALA B 199 -29.23 -18.13 -3.24
C ALA B 199 -29.63 -17.31 -4.46
N CYS B 200 -28.75 -17.16 -5.45
CA CYS B 200 -29.08 -16.33 -6.60
C CYS B 200 -28.61 -17.01 -7.88
N GLY B 201 -27.52 -17.77 -7.80
CA GLY B 201 -27.01 -18.50 -8.93
C GLY B 201 -25.91 -17.83 -9.70
N GLU B 202 -25.39 -16.70 -9.22
CA GLU B 202 -24.33 -15.98 -9.90
C GLU B 202 -22.97 -16.48 -9.39
N ILE B 203 -22.13 -16.94 -10.31
CA ILE B 203 -20.84 -17.51 -9.96
C ILE B 203 -19.84 -16.38 -9.73
N GLN B 204 -19.02 -16.53 -8.69
CA GLN B 204 -18.00 -15.56 -8.33
C GLN B 204 -16.63 -16.09 -8.69
N SER B 205 -15.83 -15.26 -9.38
CA SER B 205 -14.46 -15.60 -9.75
C SER B 205 -13.52 -14.89 -8.79
N PHE B 206 -12.93 -15.64 -7.86
CA PHE B 206 -12.07 -15.07 -6.84
C PHE B 206 -10.63 -15.51 -7.06
N PRO B 207 -9.71 -14.58 -7.32
CA PRO B 207 -8.30 -14.96 -7.46
C PRO B 207 -7.70 -15.35 -6.12
N LEU B 208 -6.70 -16.22 -6.18
CA LEU B 208 -6.06 -16.76 -4.99
C LEU B 208 -4.67 -16.15 -4.81
N PRO B 209 -4.51 -15.12 -3.98
CA PRO B 209 -3.15 -14.64 -3.69
C PRO B 209 -2.36 -15.61 -2.85
N ASP B 210 -3.03 -16.39 -1.99
CA ASP B 210 -2.35 -17.42 -1.22
C ASP B 210 -1.87 -18.55 -2.13
N GLY B 211 -2.71 -18.96 -3.08
CA GLY B 211 -2.40 -20.08 -3.94
C GLY B 211 -3.02 -21.39 -3.51
N LYS B 212 -3.70 -21.42 -2.36
CA LYS B 212 -4.33 -22.65 -1.87
C LYS B 212 -5.83 -22.45 -1.71
N TYR B 213 -6.29 -21.65 -0.75
CA TYR B 213 -7.71 -21.44 -0.55
C TYR B 213 -7.91 -20.17 0.27
N SER B 214 -9.15 -19.71 0.31
CA SER B 214 -9.57 -18.56 1.11
C SER B 214 -11.07 -18.68 1.35
N LEU B 215 -11.70 -17.60 1.81
CA LEU B 215 -13.13 -17.64 2.05
C LEU B 215 -13.89 -16.96 0.91
N PRO B 216 -13.60 -15.70 0.55
CA PRO B 216 -12.74 -14.63 1.12
C PRO B 216 -13.23 -13.87 2.38
N THR B 217 -14.52 -13.57 2.61
CA THR B 217 -15.67 -13.97 1.80
C THR B 217 -16.65 -12.81 1.56
N LYS B 218 -17.45 -12.95 0.51
CA LYS B 218 -18.48 -11.99 0.17
C LYS B 218 -19.39 -12.64 -0.87
N CYS B 219 -20.61 -12.10 -0.99
CA CYS B 219 -21.64 -12.70 -1.84
C CYS B 219 -21.17 -12.95 -3.28
N PRO B 220 -20.52 -12.00 -3.98
CA PRO B 220 -20.21 -10.59 -3.69
C PRO B 220 -21.22 -9.63 -4.33
N VAL B 221 -22.27 -10.19 -4.90
CA VAL B 221 -23.36 -9.44 -5.53
C VAL B 221 -23.93 -8.50 -4.48
N PRO B 222 -24.64 -7.41 -4.87
CA PRO B 222 -25.42 -6.65 -3.90
C PRO B 222 -26.24 -7.61 -3.05
N VAL B 223 -26.63 -7.16 -1.85
CA VAL B 223 -27.17 -7.97 -0.77
C VAL B 223 -28.16 -8.95 -1.39
N CYS B 224 -27.93 -10.24 -1.18
CA CYS B 224 -28.82 -11.30 -1.66
C CYS B 224 -29.52 -11.97 -0.48
N ARG B 225 -28.82 -12.47 0.55
CA ARG B 225 -27.36 -12.63 0.64
C ARG B 225 -27.06 -13.95 1.37
N GLY B 226 -25.83 -14.45 1.21
CA GLY B 226 -25.48 -15.68 1.87
C GLY B 226 -24.05 -16.08 1.54
N ARG B 227 -23.62 -17.17 2.17
CA ARG B 227 -22.28 -17.73 1.99
C ARG B 227 -22.35 -19.20 1.58
N SER B 228 -23.40 -19.58 0.84
CA SER B 228 -23.55 -20.95 0.35
C SER B 228 -22.71 -21.11 -0.92
N PHE B 229 -21.39 -21.17 -0.71
CA PHE B 229 -20.42 -21.18 -1.80
C PHE B 229 -19.85 -22.58 -1.96
N THR B 230 -20.01 -23.14 -3.16
CA THR B 230 -19.43 -24.43 -3.51
C THR B 230 -18.30 -24.22 -4.50
N ALA B 231 -17.14 -24.78 -4.19
CA ALA B 231 -15.97 -24.62 -5.05
C ALA B 231 -16.18 -25.29 -6.40
N LEU B 232 -16.76 -24.56 -7.35
CA LEU B 232 -16.99 -25.09 -8.68
C LEU B 232 -15.67 -25.23 -9.42
N ARG B 233 -15.01 -26.36 -9.24
CA ARG B 233 -13.64 -26.53 -9.74
C ARG B 233 -13.60 -26.62 -11.27
N SER B 234 -14.68 -27.08 -11.89
CA SER B 234 -14.72 -27.23 -13.34
C SER B 234 -15.22 -25.99 -14.05
N SER B 235 -15.52 -24.91 -13.32
CA SER B 235 -16.05 -23.72 -13.93
C SER B 235 -15.02 -23.06 -14.85
N PRO B 236 -15.47 -22.41 -15.93
CA PRO B 236 -14.54 -21.62 -16.75
C PRO B 236 -13.85 -20.51 -15.98
N LEU B 237 -14.44 -20.04 -14.89
CA LEU B 237 -13.81 -19.03 -14.05
C LEU B 237 -12.66 -19.59 -13.23
N THR B 238 -12.47 -20.91 -13.22
CA THR B 238 -11.34 -21.54 -12.56
C THR B 238 -10.22 -21.70 -13.58
N VAL B 239 -9.25 -20.78 -13.54
CA VAL B 239 -8.13 -20.77 -14.48
C VAL B 239 -6.94 -21.46 -13.83
N THR B 240 -6.37 -22.44 -14.53
CA THR B 240 -5.19 -23.17 -14.06
C THR B 240 -4.21 -23.21 -15.24
N MET B 241 -3.28 -22.26 -15.27
CA MET B 241 -2.35 -22.11 -16.38
C MET B 241 -0.94 -22.48 -15.93
N ASP B 242 -0.06 -22.64 -16.92
CA ASP B 242 1.33 -23.00 -16.64
C ASP B 242 2.03 -21.87 -15.90
N TRP B 243 3.04 -22.25 -15.10
CA TRP B 243 3.77 -21.31 -14.27
C TRP B 243 5.23 -21.72 -14.21
N GLN B 244 6.12 -20.75 -14.34
CA GLN B 244 7.55 -20.99 -14.31
C GLN B 244 8.22 -19.88 -13.51
N SER B 245 9.23 -20.24 -12.73
CA SER B 245 9.95 -19.31 -11.87
C SER B 245 11.38 -19.17 -12.38
N ILE B 246 11.80 -17.94 -12.66
CA ILE B 246 13.14 -17.65 -13.16
C ILE B 246 13.75 -16.55 -12.31
N LYS B 247 15.08 -16.51 -12.30
CA LYS B 247 15.85 -15.49 -11.58
C LYS B 247 16.68 -14.70 -12.58
N ILE B 248 16.70 -13.38 -12.40
CA ILE B 248 17.44 -12.46 -13.26
C ILE B 248 18.40 -11.67 -12.39
N GLN B 249 19.67 -11.59 -12.82
CA GLN B 249 20.67 -10.76 -12.18
C GLN B 249 20.95 -9.54 -13.04
N GLU B 250 21.44 -8.48 -12.40
CA GLU B 250 21.70 -7.23 -13.09
C GLU B 250 22.82 -7.41 -14.12
N LEU B 251 22.89 -6.46 -15.06
CA LEU B 251 23.87 -6.52 -16.14
C LEU B 251 25.28 -6.22 -15.66
N MET B 252 26.19 -5.95 -16.59
CA MET B 252 27.61 -5.77 -16.27
C MET B 252 28.16 -4.42 -16.70
N SER B 253 27.34 -3.53 -17.24
CA SER B 253 27.82 -2.24 -17.70
C SER B 253 28.16 -1.33 -16.52
N ASP B 254 29.16 -0.48 -16.72
CA ASP B 254 29.49 0.55 -15.73
C ASP B 254 28.25 1.39 -15.46
N ASP B 255 27.94 1.62 -14.18
CA ASP B 255 28.79 1.37 -13.02
C ASP B 255 29.07 -0.09 -12.65
N GLN B 256 30.28 -0.33 -12.13
CA GLN B 256 30.70 -1.65 -11.71
C GLN B 256 30.20 -1.92 -10.29
N ARG B 257 30.63 -3.06 -9.73
CA ARG B 257 30.32 -3.42 -8.36
C ARG B 257 31.52 -3.09 -7.47
N GLU B 258 31.40 -3.43 -6.18
CA GLU B 258 32.42 -3.08 -5.20
C GLU B 258 33.54 -4.11 -5.25
N ALA B 259 34.45 -3.91 -6.20
CA ALA B 259 35.66 -4.73 -6.36
C ALA B 259 35.33 -6.21 -6.54
N GLY B 260 34.21 -6.51 -7.21
CA GLY B 260 33.86 -7.88 -7.51
C GLY B 260 32.93 -8.54 -6.53
N ARG B 261 32.03 -7.80 -5.90
CA ARG B 261 31.05 -8.39 -5.00
C ARG B 261 29.87 -8.93 -5.80
N ILE B 262 28.94 -9.57 -5.10
CA ILE B 262 27.84 -10.28 -5.78
C ILE B 262 26.87 -9.26 -6.37
N PRO B 263 26.54 -9.35 -7.66
CA PRO B 263 25.54 -8.45 -8.23
C PRO B 263 24.15 -8.74 -7.71
N ARG B 264 23.27 -7.75 -7.84
CA ARG B 264 21.91 -7.89 -7.34
C ARG B 264 21.08 -8.79 -8.25
N THR B 265 20.21 -9.59 -7.64
CA THR B 265 19.34 -10.49 -8.38
C THR B 265 17.88 -10.24 -7.99
N ILE B 266 16.97 -10.77 -8.79
CA ILE B 266 15.55 -10.69 -8.50
C ILE B 266 14.85 -11.80 -9.27
N GLU B 267 13.84 -12.40 -8.64
CA GLU B 267 13.12 -13.51 -9.23
C GLU B 267 11.91 -13.01 -10.01
N CYS B 268 11.59 -13.72 -11.09
N CYS B 268 11.58 -13.74 -11.08
CA CYS B 268 10.48 -13.37 -11.96
CA CYS B 268 10.49 -13.37 -11.97
C CYS B 268 9.59 -14.59 -12.17
C CYS B 268 9.60 -14.59 -12.20
N GLU B 269 8.30 -14.34 -12.31
CA GLU B 269 7.31 -15.40 -12.50
C GLU B 269 6.75 -15.32 -13.91
N LEU B 270 6.91 -16.40 -14.68
CA LEU B 270 6.34 -16.51 -16.02
C LEU B 270 5.07 -17.36 -15.96
N VAL B 271 4.06 -16.95 -16.72
CA VAL B 271 2.74 -17.58 -16.66
C VAL B 271 2.19 -17.73 -18.07
N HIS B 272 1.64 -18.91 -18.36
CA HIS B 272 0.90 -19.20 -19.60
C HIS B 272 1.86 -18.98 -20.75
N ASP B 273 1.52 -18.19 -21.77
CA ASP B 273 2.35 -18.05 -22.95
C ASP B 273 3.76 -17.52 -22.72
N LEU B 274 4.08 -17.10 -21.49
CA LEU B 274 5.41 -16.60 -21.19
C LEU B 274 6.38 -17.70 -20.76
N VAL B 275 5.89 -18.90 -20.45
CA VAL B 275 6.78 -19.97 -20.00
C VAL B 275 7.58 -20.49 -21.18
N ASP B 276 8.78 -21.02 -20.87
CA ASP B 276 9.70 -21.57 -21.87
C ASP B 276 9.98 -20.55 -22.97
N SER B 277 10.43 -19.36 -22.56
CA SER B 277 10.82 -18.32 -23.49
C SER B 277 12.30 -17.96 -23.38
N CYS B 278 13.02 -18.53 -22.42
CA CYS B 278 14.43 -18.24 -22.25
C CYS B 278 15.08 -19.38 -21.48
N VAL B 279 16.38 -19.56 -21.70
CA VAL B 279 17.17 -20.56 -20.98
C VAL B 279 18.17 -19.82 -20.11
N PRO B 280 18.75 -20.47 -19.10
CA PRO B 280 19.75 -19.77 -18.27
C PRO B 280 20.94 -19.29 -19.10
N GLY B 281 21.32 -18.03 -18.89
CA GLY B 281 22.39 -17.40 -19.64
C GLY B 281 21.91 -16.39 -20.67
N ASP B 282 20.60 -16.30 -20.91
CA ASP B 282 20.07 -15.39 -21.91
C ASP B 282 19.82 -14.02 -21.30
N THR B 283 20.03 -12.98 -22.11
CA THR B 283 19.74 -11.61 -21.71
C THR B 283 18.34 -11.25 -22.19
N VAL B 284 17.45 -10.93 -21.25
CA VAL B 284 16.05 -10.68 -21.55
C VAL B 284 15.65 -9.30 -21.07
N THR B 285 14.60 -8.77 -21.68
CA THR B 285 13.97 -7.51 -21.27
C THR B 285 12.59 -7.84 -20.75
N ILE B 286 12.37 -7.64 -19.45
CA ILE B 286 11.15 -8.06 -18.77
C ILE B 286 10.39 -6.84 -18.30
N THR B 287 9.12 -6.77 -18.67
CA THR B 287 8.18 -5.81 -18.12
C THR B 287 7.17 -6.55 -17.25
N GLY B 288 6.75 -5.90 -16.17
CA GLY B 288 5.81 -6.54 -15.27
C GLY B 288 5.52 -5.70 -14.06
N ILE B 289 4.85 -6.32 -13.09
CA ILE B 289 4.39 -5.66 -11.88
C ILE B 289 5.23 -6.15 -10.71
N VAL B 290 5.64 -5.22 -9.85
CA VAL B 290 6.38 -5.57 -8.64
C VAL B 290 5.38 -6.00 -7.58
N LYS B 291 5.55 -7.21 -7.07
CA LYS B 291 4.68 -7.77 -6.05
C LYS B 291 5.52 -8.33 -4.90
N VAL B 292 4.83 -8.72 -3.83
CA VAL B 292 5.47 -9.27 -2.64
C VAL B 292 4.71 -10.52 -2.21
N SER B 293 5.45 -11.62 -2.03
CA SER B 293 4.86 -12.87 -1.59
C SER B 293 4.96 -13.00 -0.07
N ASN B 294 3.92 -13.54 0.54
CA ASN B 294 3.88 -13.72 1.98
C ASN B 294 4.34 -15.12 2.35
N ALA B 295 5.26 -15.20 3.32
CA ALA B 295 5.89 -16.47 3.65
C ALA B 295 5.03 -17.34 4.55
N GLU B 296 4.25 -16.74 5.44
CA GLU B 296 3.48 -17.52 6.41
C GLU B 296 2.27 -18.19 5.76
N GLU B 297 1.38 -17.41 5.18
CA GLU B 297 0.20 -17.98 4.54
C GLU B 297 0.55 -18.81 3.31
N GLY B 298 1.70 -18.56 2.70
CA GLY B 298 2.16 -19.35 1.58
C GLY B 298 2.90 -20.59 2.04
N SER B 299 3.68 -21.16 1.12
CA SER B 299 4.50 -22.33 1.38
C SER B 299 5.96 -22.06 1.04
N ARG B 300 6.46 -20.90 1.44
CA ARG B 300 7.82 -20.45 1.15
C ARG B 300 8.28 -19.60 2.34
N ASN B 301 8.46 -20.26 3.49
CA ASN B 301 8.73 -19.59 4.75
C ASN B 301 10.18 -19.73 5.19
N LYS B 302 10.63 -20.95 5.50
CA LYS B 302 11.93 -21.16 6.12
C LYS B 302 13.04 -21.44 5.11
N ASN B 303 12.89 -20.95 3.87
CA ASN B 303 14.02 -21.02 2.94
C ASN B 303 15.11 -20.05 3.36
N ASP B 304 14.73 -18.85 3.82
CA ASP B 304 15.62 -17.87 4.39
C ASP B 304 14.99 -17.34 5.67
N LYS B 305 15.67 -16.40 6.31
CA LYS B 305 15.17 -15.78 7.53
C LYS B 305 14.15 -14.68 7.26
N CYS B 306 13.65 -14.57 6.03
CA CYS B 306 12.80 -13.46 5.62
C CYS B 306 11.33 -13.84 5.64
N MET B 307 10.50 -12.83 5.85
CA MET B 307 9.04 -12.99 5.86
C MET B 307 8.39 -12.51 4.58
N PHE B 308 9.07 -11.67 3.79
CA PHE B 308 8.52 -11.14 2.56
C PHE B 308 9.61 -11.10 1.50
N LEU B 309 9.28 -11.54 0.29
CA LEU B 309 10.21 -11.53 -0.84
C LEU B 309 9.59 -10.76 -2.00
N LEU B 310 10.40 -9.92 -2.63
CA LEU B 310 9.95 -9.06 -3.72
C LEU B 310 10.34 -9.68 -5.06
N TYR B 311 9.34 -9.96 -5.90
CA TYR B 311 9.53 -10.57 -7.20
C TYR B 311 8.86 -9.71 -8.27
N ILE B 312 8.88 -10.20 -9.50
CA ILE B 312 8.26 -9.53 -10.63
C ILE B 312 7.25 -10.48 -11.25
N GLU B 313 5.99 -10.05 -11.33
CA GLU B 313 4.99 -10.76 -12.11
C GLU B 313 5.15 -10.31 -13.57
N ALA B 314 5.79 -11.15 -14.37
CA ALA B 314 6.11 -10.77 -15.75
C ALA B 314 4.84 -10.53 -16.55
N ASN B 315 4.77 -9.35 -17.17
CA ASN B 315 3.71 -9.08 -18.14
C ASN B 315 4.16 -9.36 -19.56
N SER B 316 5.45 -9.19 -19.85
CA SER B 316 6.00 -9.54 -21.15
C SER B 316 7.49 -9.85 -20.97
N ILE B 317 8.05 -10.56 -21.95
CA ILE B 317 9.45 -10.91 -21.94
C ILE B 317 9.95 -10.93 -23.37
N SER B 318 11.13 -10.33 -23.58
CA SER B 318 11.74 -10.24 -24.91
C SER B 318 13.16 -10.78 -24.82
N ASN B 319 13.47 -11.79 -25.64
CA ASN B 319 14.77 -12.43 -25.63
C ASN B 319 15.61 -11.92 -26.80
N SER B 320 16.93 -11.97 -26.63
CA SER B 320 17.86 -11.52 -27.64
C SER B 320 18.14 -12.62 -28.66
#